data_2I2B
#
_entry.id   2I2B
#
_cell.length_a   63.243
_cell.length_b   74.565
_cell.length_c   118.290
_cell.angle_alpha   90.00
_cell.angle_beta   90.00
_cell.angle_gamma   90.00
#
_symmetry.space_group_name_H-M   'I 2 2 2'
#
loop_
_entity.id
_entity.type
_entity.pdbx_description
1 polymer 'Probable inorganic polyphosphate/ATP-NAD kinase 1'
2 non-polymer BETA-D-ERYTHROFURANOSYL-ADENOSINE
3 non-polymer 'CITRIC ACID'
4 non-polymer GLYCEROL
5 water water
#
_entity_poly.entity_id   1
_entity_poly.type   'polypeptide(L)'
_entity_poly.pdbx_seq_one_letter_code
;MKYMITSKGDEKSDLLRLNMIAGFGEYDMEYDDVEPEIVISIGGDGTFLSAFHQYEERLDEIAFIGIHTGHLGFYADWRP
AEADKLVKLLAKGEYQKVSYPLLKTTVKYGIGKKEATYLALNESTVKSSGGPFVVDVVINDIHFERFRGDGLCMSTPSGT
TAYNKSLGGALMHPSIEAMQLTEMASINNRVYRTIGSPLVFPKHHVVSLQPVNDKDFQISVDHLSILHRDVQEIRYEVSA
KKIHFARFRSFPFWRRVHDSFIEDLEHHHHHH
;
_entity_poly.pdbx_strand_id   A
#
loop_
_chem_comp.id
_chem_comp.type
_chem_comp.name
_chem_comp.formula
CC5 non-polymer BETA-D-ERYTHROFURANOSYL-ADENOSINE 'C9 H11 N5 O3'
CIT non-polymer 'CITRIC ACID' 'C6 H8 O7'
GOL non-polymer GLYCEROL 'C3 H8 O3'
#
# COMPACT_ATOMS: atom_id res chain seq x y z
N MET A 1 -23.87 -4.18 11.69
CA MET A 1 -22.69 -4.57 10.88
C MET A 1 -21.50 -4.90 11.76
N LYS A 2 -20.76 -5.93 11.36
CA LYS A 2 -19.54 -6.31 12.05
C LYS A 2 -18.46 -5.29 11.73
N TYR A 3 -17.75 -4.86 12.77
CA TYR A 3 -16.67 -3.89 12.62
C TYR A 3 -15.53 -4.28 13.55
N MET A 4 -14.34 -3.79 13.25
CA MET A 4 -13.25 -3.85 14.20
C MET A 4 -12.45 -2.55 14.15
N ILE A 5 -11.65 -2.32 15.19
CA ILE A 5 -10.82 -1.14 15.31
C ILE A 5 -9.41 -1.52 15.74
N THR A 6 -8.42 -1.19 14.92
CA THR A 6 -7.01 -1.36 15.30
C THR A 6 -6.50 -0.03 15.84
N SER A 7 -5.56 -0.10 16.78
CA SER A 7 -4.97 1.10 17.35
C SER A 7 -3.46 1.01 17.23
N LYS A 8 -2.82 2.16 16.99
CA LYS A 8 -1.36 2.27 17.00
C LYS A 8 -0.78 1.93 18.40
N GLY A 9 -1.63 2.02 19.43
CA GLY A 9 -1.27 1.54 20.76
C GLY A 9 -0.69 2.57 21.71
N ASP A 10 -0.74 3.85 21.36
CA ASP A 10 -0.41 4.90 22.32
C ASP A 10 -1.66 5.26 23.14
N GLU A 11 -1.52 6.09 24.17
CA GLU A 11 -2.66 6.47 25.02
C GLU A 11 -3.79 7.11 24.21
N LYS A 12 -3.46 8.11 23.41
CA LYS A 12 -4.41 8.78 22.51
C LYS A 12 -5.25 7.80 21.68
N SER A 13 -4.58 6.91 20.95
CA SER A 13 -5.24 5.98 20.02
C SER A 13 -6.11 4.95 20.74
N ASP A 14 -5.61 4.38 21.83
CA ASP A 14 -6.35 3.44 22.66
C ASP A 14 -7.62 4.02 23.28
N LEU A 15 -7.52 5.23 23.83
CA LEU A 15 -8.68 5.90 24.43
C LEU A 15 -9.75 6.20 23.39
N LEU A 16 -9.32 6.64 22.21
CA LEU A 16 -10.27 6.92 21.12
C LEU A 16 -10.93 5.65 20.60
N ARG A 17 -10.16 4.56 20.53
CA ARG A 17 -10.70 3.26 20.18
C ARG A 17 -11.82 2.86 21.15
N LEU A 18 -11.54 2.98 22.46
CA LEU A 18 -12.53 2.63 23.49
C LEU A 18 -13.80 3.49 23.43
N ASN A 19 -13.61 4.79 23.22
CA ASN A 19 -14.72 5.71 22.99
C ASN A 19 -15.57 5.39 21.77
N MET A 20 -14.91 4.95 20.69
CA MET A 20 -15.63 4.56 19.47
C MET A 20 -16.40 3.27 19.66
N ILE A 21 -15.78 2.28 20.30
CA ILE A 21 -16.44 1.03 20.67
C ILE A 21 -17.70 1.29 21.51
N ALA A 22 -17.55 2.14 22.52
CA ALA A 22 -18.67 2.59 23.36
C ALA A 22 -19.75 3.28 22.53
N GLY A 23 -19.33 4.17 21.63
CA GLY A 23 -20.24 4.85 20.70
C GLY A 23 -20.94 3.90 19.75
N PHE A 24 -20.24 2.87 19.29
CA PHE A 24 -20.84 1.84 18.43
C PHE A 24 -21.83 0.96 19.18
N GLY A 25 -21.65 0.86 20.50
CA GLY A 25 -22.56 0.11 21.36
C GLY A 25 -23.96 0.68 21.45
N GLU A 26 -24.09 1.97 21.14
CA GLU A 26 -25.40 2.65 21.13
C GLU A 26 -26.20 2.38 19.84
N TYR A 27 -25.59 1.68 18.89
CA TYR A 27 -26.25 1.31 17.63
C TYR A 27 -26.25 -0.21 17.46
N ASP A 28 -26.70 -0.71 16.30
CA ASP A 28 -26.73 -2.14 16.05
C ASP A 28 -25.42 -2.64 15.41
N MET A 29 -24.29 -2.28 16.03
CA MET A 29 -22.97 -2.65 15.54
C MET A 29 -22.30 -3.64 16.50
N GLU A 30 -21.77 -4.74 15.96
CA GLU A 30 -21.07 -5.74 16.78
C GLU A 30 -19.58 -5.80 16.47
N TYR A 31 -18.77 -5.79 17.54
CA TYR A 31 -17.33 -5.89 17.40
C TYR A 31 -16.93 -7.31 16.99
N ASP A 32 -16.49 -7.47 15.74
CA ASP A 32 -15.95 -8.73 15.25
C ASP A 32 -14.62 -8.50 14.54
N ASP A 33 -13.53 -8.96 15.14
CA ASP A 33 -12.20 -8.83 14.55
C ASP A 33 -11.80 -10.03 13.68
N VAL A 34 -12.72 -10.99 13.51
CA VAL A 34 -12.49 -12.16 12.66
C VAL A 34 -13.08 -11.93 11.26
N GLU A 35 -14.36 -11.54 11.20
CA GLU A 35 -15.00 -11.26 9.93
C GLU A 35 -15.71 -9.89 9.90
N PRO A 36 -14.96 -8.80 10.08
CA PRO A 36 -15.56 -7.47 10.07
C PRO A 36 -15.99 -7.06 8.67
N GLU A 37 -16.94 -6.15 8.59
CA GLU A 37 -17.33 -5.55 7.31
C GLU A 37 -16.71 -4.16 7.21
N ILE A 38 -16.29 -3.62 8.36
CA ILE A 38 -15.72 -2.30 8.47
C ILE A 38 -14.48 -2.37 9.34
N VAL A 39 -13.35 -1.91 8.81
CA VAL A 39 -12.10 -1.92 9.55
C VAL A 39 -11.66 -0.48 9.78
N ILE A 40 -11.62 -0.08 11.05
CA ILE A 40 -11.21 1.28 11.40
C ILE A 40 -9.83 1.21 12.00
N SER A 41 -8.95 2.04 11.48
CA SER A 41 -7.59 2.06 11.95
C SER A 41 -7.31 3.42 12.58
N ILE A 42 -6.76 3.41 13.78
CA ILE A 42 -6.51 4.64 14.52
C ILE A 42 -5.03 4.82 14.83
N GLY A 43 -4.43 5.82 14.20
CA GLY A 43 -3.01 6.11 14.35
C GLY A 43 -2.46 6.89 13.19
N GLY A 44 -1.67 6.23 12.35
CA GLY A 44 -1.10 6.85 11.16
C GLY A 44 -1.24 5.93 9.96
N ASP A 45 -0.57 6.31 8.87
CA ASP A 45 -0.54 5.50 7.67
C ASP A 45 0.10 4.11 7.92
N GLY A 46 1.10 4.07 8.81
CA GLY A 46 1.74 2.80 9.21
C GLY A 46 0.76 1.82 9.85
N THR A 47 -0.08 2.32 10.76
CA THR A 47 -1.12 1.54 11.40
C THR A 47 -2.15 1.03 10.38
N PHE A 48 -2.54 1.90 9.46
CA PHE A 48 -3.44 1.51 8.40
C PHE A 48 -2.88 0.37 7.55
N LEU A 49 -1.58 0.44 7.24
CA LEU A 49 -0.88 -0.60 6.47
C LEU A 49 -0.97 -1.96 7.17
N SER A 50 -0.78 -1.96 8.50
CA SER A 50 -0.96 -3.17 9.31
C SER A 50 -2.38 -3.70 9.18
N ALA A 51 -3.36 -2.80 9.29
CA ALA A 51 -4.77 -3.16 9.19
C ALA A 51 -5.11 -3.82 7.85
N PHE A 52 -4.57 -3.24 6.77
CA PHE A 52 -4.79 -3.77 5.42
C PHE A 52 -4.28 -5.19 5.31
N HIS A 53 -3.06 -5.43 5.81
CA HIS A 53 -2.41 -6.72 5.73
C HIS A 53 -2.99 -7.74 6.72
N GLN A 54 -3.51 -7.24 7.84
CA GLN A 54 -4.26 -8.08 8.77
C GLN A 54 -5.45 -8.72 8.06
N TYR A 55 -6.07 -7.97 7.14
CA TYR A 55 -7.35 -8.37 6.55
C TYR A 55 -7.38 -8.51 5.02
N GLU A 56 -6.22 -8.81 4.42
CA GLU A 56 -6.12 -8.86 2.96
C GLU A 56 -6.79 -10.08 2.30
N GLU A 57 -7.12 -11.10 3.11
CA GLU A 57 -7.82 -12.28 2.60
C GLU A 57 -9.32 -12.00 2.40
N ARG A 58 -9.83 -10.93 3.00
CA ARG A 58 -11.24 -10.56 2.87
C ARG A 58 -11.48 -9.13 2.32
N LEU A 59 -10.62 -8.69 1.41
CA LEU A 59 -10.68 -7.32 0.86
C LEU A 59 -11.96 -6.94 0.13
N ASP A 60 -12.58 -7.92 -0.52
CA ASP A 60 -13.82 -7.68 -1.26
C ASP A 60 -15.01 -7.47 -0.32
N GLU A 61 -14.86 -7.90 0.93
CA GLU A 61 -15.93 -7.85 1.93
C GLU A 61 -15.83 -6.67 2.91
N ILE A 62 -14.75 -5.90 2.82
CA ILE A 62 -14.41 -4.90 3.85
C ILE A 62 -14.31 -3.49 3.29
N ALA A 63 -14.85 -2.53 4.05
CA ALA A 63 -14.60 -1.10 3.81
C ALA A 63 -13.70 -0.54 4.90
N PHE A 64 -12.61 0.12 4.50
CA PHE A 64 -11.61 0.64 5.45
C PHE A 64 -11.80 2.12 5.78
N ILE A 65 -11.44 2.50 7.01
CA ILE A 65 -11.48 3.89 7.45
C ILE A 65 -10.23 4.19 8.26
N GLY A 66 -9.58 5.32 7.99
CA GLY A 66 -8.38 5.71 8.71
C GLY A 66 -8.59 6.97 9.54
N ILE A 67 -8.19 6.93 10.80
CA ILE A 67 -8.23 8.10 11.68
C ILE A 67 -6.81 8.38 12.14
N HIS A 68 -6.34 9.61 11.91
CA HIS A 68 -5.02 10.03 12.35
C HIS A 68 -5.06 10.70 13.71
N THR A 69 -4.30 10.15 14.65
CA THR A 69 -4.21 10.76 15.98
C THR A 69 -3.01 11.70 16.07
N GLY A 70 -2.14 11.62 15.06
CA GLY A 70 -1.08 12.60 14.85
C GLY A 70 -1.40 13.47 13.64
N HIS A 71 -0.38 13.74 12.83
CA HIS A 71 -0.54 14.56 11.63
C HIS A 71 -1.32 13.83 10.54
N LEU A 72 -1.79 14.58 9.53
CA LEU A 72 -2.62 14.06 8.46
C LEU A 72 -1.95 12.87 7.76
N GLY A 73 -2.72 11.82 7.49
CA GLY A 73 -2.24 10.70 6.68
C GLY A 73 -2.95 10.63 5.33
N PHE A 74 -2.35 9.91 4.38
CA PHE A 74 -2.97 9.69 3.08
C PHE A 74 -4.09 8.65 3.14
N TYR A 75 -3.92 7.66 4.01
CA TYR A 75 -4.99 6.71 4.25
C TYR A 75 -5.75 7.10 5.48
N ALA A 76 -5.11 7.88 6.34
CA ALA A 76 -5.67 8.20 7.62
C ALA A 76 -5.75 9.66 8.04
N ASP A 77 -6.88 10.35 7.93
CA ASP A 77 -7.35 11.12 6.78
C ASP A 77 -8.64 11.75 7.37
N TRP A 78 -9.09 11.14 8.46
CA TRP A 78 -10.13 11.65 9.38
C TRP A 78 -9.55 12.13 10.71
N ARG A 79 -10.09 13.24 11.20
CA ARG A 79 -9.68 13.80 12.50
C ARG A 79 -10.37 13.05 13.64
N PRO A 80 -9.67 12.91 14.77
CA PRO A 80 -10.27 12.34 15.98
C PRO A 80 -11.55 13.05 16.41
N ALA A 81 -11.61 14.38 16.23
CA ALA A 81 -12.78 15.16 16.61
C ALA A 81 -14.04 14.80 15.81
N GLU A 82 -13.84 14.19 14.63
CA GLU A 82 -14.95 13.79 13.77
C GLU A 82 -15.34 12.31 13.96
N ALA A 83 -14.74 11.67 14.96
CA ALA A 83 -14.95 10.24 15.23
C ALA A 83 -16.37 9.93 15.69
N ASP A 84 -16.93 10.81 16.51
CA ASP A 84 -18.32 10.68 16.95
C ASP A 84 -19.26 10.75 15.73
N LYS A 85 -18.96 11.66 14.80
CA LYS A 85 -19.75 11.82 13.59
C LYS A 85 -19.71 10.59 12.68
N LEU A 86 -18.55 9.92 12.59
CA LEU A 86 -18.42 8.72 11.76
C LEU A 86 -19.13 7.49 12.36
N VAL A 87 -19.18 7.40 13.69
CA VAL A 87 -19.95 6.35 14.35
C VAL A 87 -21.39 6.35 13.81
N LYS A 88 -22.05 7.51 13.88
CA LYS A 88 -23.43 7.65 13.41
C LYS A 88 -23.61 7.28 11.94
N LEU A 89 -22.83 7.93 11.07
CA LEU A 89 -22.90 7.69 9.62
C LEU A 89 -22.70 6.21 9.25
N LEU A 90 -21.67 5.61 9.81
CA LEU A 90 -21.37 4.17 9.65
C LEU A 90 -22.52 3.27 10.08
N ALA A 91 -23.10 3.56 11.24
CA ALA A 91 -24.20 2.78 11.80
C ALA A 91 -25.51 3.00 11.04
N LYS A 92 -25.66 4.18 10.45
CA LYS A 92 -26.84 4.52 9.66
C LYS A 92 -26.68 4.11 8.19
N GLY A 93 -25.44 3.84 7.79
CA GLY A 93 -25.15 3.39 6.43
C GLY A 93 -25.17 4.52 5.40
N GLU A 94 -24.81 5.72 5.84
CA GLU A 94 -24.85 6.90 4.97
C GLU A 94 -23.47 7.17 4.39
N TYR A 95 -23.02 6.28 3.51
CA TYR A 95 -21.68 6.32 2.95
C TYR A 95 -21.56 5.52 1.66
N GLN A 96 -20.73 6.02 0.75
CA GLN A 96 -20.39 5.35 -0.50
C GLN A 96 -19.07 4.60 -0.32
N LYS A 97 -18.61 3.95 -1.38
CA LYS A 97 -17.31 3.28 -1.38
C LYS A 97 -16.46 3.74 -2.56
N VAL A 98 -15.19 4.01 -2.29
CA VAL A 98 -14.21 4.34 -3.31
C VAL A 98 -13.14 3.25 -3.31
N SER A 99 -12.66 2.87 -4.49
CA SER A 99 -11.65 1.81 -4.61
C SER A 99 -10.35 2.30 -5.22
N TYR A 100 -9.24 1.88 -4.61
CA TYR A 100 -7.89 2.15 -5.11
C TYR A 100 -7.26 0.86 -5.67
N PRO A 101 -6.44 0.97 -6.72
CA PRO A 101 -5.73 -0.19 -7.27
C PRO A 101 -4.71 -0.75 -6.29
N LEU A 102 -4.40 -2.03 -6.43
CA LEU A 102 -3.36 -2.69 -5.64
C LEU A 102 -2.31 -3.32 -6.56
N LEU A 103 -1.18 -3.67 -5.98
CA LEU A 103 -0.09 -4.28 -6.73
C LEU A 103 0.01 -5.76 -6.38
N LYS A 104 -0.02 -6.62 -7.39
CA LYS A 104 0.23 -8.05 -7.16
C LYS A 104 1.72 -8.34 -7.37
N THR A 105 2.31 -8.99 -6.38
CA THR A 105 3.70 -9.43 -6.43
C THR A 105 3.71 -10.96 -6.44
N THR A 106 4.38 -11.55 -7.42
CA THR A 106 4.56 -13.00 -7.45
C THR A 106 6.03 -13.32 -7.35
N VAL A 107 6.38 -14.20 -6.43
CA VAL A 107 7.75 -14.61 -6.24
C VAL A 107 7.86 -16.10 -6.56
N LYS A 108 8.65 -16.41 -7.57
CA LYS A 108 8.90 -17.78 -7.96
C LYS A 108 10.28 -18.20 -7.49
N TYR A 109 10.33 -19.32 -6.77
CA TYR A 109 11.59 -20.00 -6.44
C TYR A 109 11.94 -21.02 -7.50
N LYS A 114 8.14 -23.19 -6.71
CA LYS A 114 6.85 -22.81 -6.13
C LYS A 114 6.68 -21.30 -6.20
N GLU A 115 5.43 -20.84 -6.14
CA GLU A 115 5.12 -19.42 -6.19
C GLU A 115 4.48 -18.94 -4.89
N ALA A 116 4.78 -17.71 -4.52
CA ALA A 116 4.10 -17.03 -3.43
C ALA A 116 3.63 -15.68 -3.95
N THR A 117 2.35 -15.37 -3.75
CA THR A 117 1.83 -14.06 -4.15
C THR A 117 1.44 -13.16 -2.98
N TYR A 118 1.62 -11.85 -3.19
CA TYR A 118 1.38 -10.81 -2.19
C TYR A 118 0.64 -9.65 -2.79
N LEU A 119 -0.08 -8.91 -1.95
CA LEU A 119 -0.72 -7.68 -2.36
C LEU A 119 -0.05 -6.53 -1.64
N ALA A 120 0.28 -5.48 -2.38
CA ALA A 120 0.82 -4.29 -1.77
C ALA A 120 -0.18 -3.15 -1.93
N LEU A 121 -0.34 -2.37 -0.88
CA LEU A 121 -1.14 -1.16 -0.92
C LEU A 121 -0.28 0.04 -1.31
N ASN A 122 0.96 0.07 -0.82
CA ASN A 122 1.92 1.13 -1.17
C ASN A 122 2.86 0.70 -2.30
N GLU A 123 3.66 -0.33 -2.05
CA GLU A 123 4.72 -0.74 -2.98
C GLU A 123 5.35 -2.06 -2.57
N SER A 124 6.07 -2.66 -3.52
CA SER A 124 6.98 -3.75 -3.24
C SER A 124 8.35 -3.32 -3.71
N THR A 125 9.38 -3.61 -2.94
CA THR A 125 10.75 -3.30 -3.35
C THR A 125 11.62 -4.55 -3.37
N VAL A 126 12.64 -4.53 -4.23
CA VAL A 126 13.66 -5.58 -4.24
C VAL A 126 15.00 -4.92 -3.98
N LYS A 127 15.77 -5.47 -3.04
CA LYS A 127 17.16 -5.10 -2.77
C LYS A 127 18.01 -6.34 -2.45
N SER A 128 19.33 -6.14 -2.31
CA SER A 128 20.25 -7.12 -1.68
C SER A 128 20.69 -6.42 -0.36
N SER A 129 21.09 -7.08 0.73
CA SER A 129 21.67 -8.44 0.89
C SER A 129 23.18 -8.46 0.57
N GLY A 130 23.75 -7.26 0.36
CA GLY A 130 25.18 -7.08 0.08
C GLY A 130 25.47 -6.19 -1.13
N GLY A 131 25.41 -4.86 -0.93
CA GLY A 131 25.68 -3.89 -2.01
C GLY A 131 24.65 -3.87 -3.12
N PRO A 132 25.09 -3.80 -4.39
CA PRO A 132 24.30 -4.27 -5.54
C PRO A 132 24.65 -5.76 -5.81
N PHE A 133 23.75 -6.63 -6.29
CA PHE A 133 22.40 -6.39 -6.85
C PHE A 133 22.36 -6.07 -8.36
N VAL A 134 22.22 -7.15 -9.13
CA VAL A 134 22.10 -7.10 -10.58
C VAL A 134 20.85 -7.90 -10.94
N VAL A 135 19.93 -7.28 -11.66
CA VAL A 135 18.74 -7.97 -12.14
C VAL A 135 18.43 -7.61 -13.58
N ASP A 136 17.91 -8.58 -14.31
CA ASP A 136 17.38 -8.35 -15.63
C ASP A 136 15.92 -7.96 -15.50
N VAL A 137 15.57 -6.83 -16.10
CA VAL A 137 14.22 -6.31 -16.09
C VAL A 137 13.59 -6.68 -17.43
N VAL A 138 12.50 -7.44 -17.36
CA VAL A 138 11.82 -7.98 -18.51
C VAL A 138 10.39 -7.43 -18.49
N ILE A 139 9.97 -6.79 -19.58
CA ILE A 139 8.63 -6.24 -19.67
C ILE A 139 7.83 -6.99 -20.73
N ASN A 140 6.74 -7.63 -20.31
CA ASN A 140 5.92 -8.46 -21.20
C ASN A 140 6.75 -9.40 -22.05
N ASP A 141 7.66 -10.12 -21.40
CA ASP A 141 8.49 -11.16 -22.02
C ASP A 141 9.70 -10.64 -22.80
N ILE A 142 9.83 -9.33 -22.97
CA ILE A 142 10.97 -8.80 -23.70
C ILE A 142 11.96 -8.12 -22.76
N HIS A 143 13.23 -8.51 -22.85
CA HIS A 143 14.25 -7.97 -21.99
C HIS A 143 14.35 -6.48 -22.22
N PHE A 144 14.20 -5.70 -21.14
CA PHE A 144 14.23 -4.24 -21.22
C PHE A 144 15.58 -3.64 -20.80
N GLU A 145 16.11 -4.06 -19.65
CA GLU A 145 17.39 -3.54 -19.18
C GLU A 145 18.05 -4.50 -18.19
N ARG A 146 19.37 -4.43 -18.12
CA ARG A 146 20.10 -5.00 -17.00
C ARG A 146 20.40 -3.92 -15.96
N PHE A 147 19.73 -4.01 -14.82
CA PHE A 147 19.86 -3.05 -13.76
C PHE A 147 20.96 -3.46 -12.78
N ARG A 148 21.87 -2.53 -12.52
CA ARG A 148 22.83 -2.71 -11.43
C ARG A 148 22.76 -1.48 -10.54
N GLY A 149 22.59 -1.72 -9.24
CA GLY A 149 22.43 -0.66 -8.24
C GLY A 149 21.87 -1.16 -6.93
N ASP A 150 21.23 -0.27 -6.17
CA ASP A 150 20.78 -0.59 -4.81
C ASP A 150 19.49 -1.40 -4.76
N GLY A 151 18.59 -1.15 -5.70
CA GLY A 151 17.33 -1.85 -5.77
C GLY A 151 16.31 -1.19 -6.66
N LEU A 152 15.10 -1.75 -6.67
CA LEU A 152 14.00 -1.28 -7.46
C LEU A 152 12.73 -1.21 -6.61
N CYS A 153 11.84 -0.30 -6.97
CA CYS A 153 10.59 -0.10 -6.22
C CYS A 153 9.43 -0.09 -7.21
N MET A 154 8.42 -0.93 -6.95
CA MET A 154 7.19 -0.91 -7.76
C MET A 154 6.04 -0.47 -6.89
N SER A 155 5.39 0.61 -7.30
CA SER A 155 4.45 1.30 -6.44
C SER A 155 3.06 1.31 -7.05
N THR A 156 2.03 1.28 -6.20
CA THR A 156 0.64 1.53 -6.62
C THR A 156 0.47 3.05 -6.75
N PRO A 157 -0.67 3.51 -7.28
CA PRO A 157 -0.95 4.96 -7.30
C PRO A 157 -1.00 5.62 -5.91
N SER A 158 -1.70 5.05 -4.94
CA SER A 158 -1.70 5.67 -3.60
C SER A 158 -0.35 5.56 -2.90
N GLY A 159 0.46 4.58 -3.30
CA GLY A 159 1.82 4.45 -2.80
C GLY A 159 2.79 5.45 -3.39
N THR A 160 2.38 6.20 -4.42
CA THR A 160 3.32 7.13 -5.09
C THR A 160 3.77 8.29 -4.20
N THR A 161 3.02 8.58 -3.15
CA THR A 161 3.36 9.65 -2.20
C THR A 161 4.31 9.17 -1.10
N ALA A 162 4.63 7.88 -1.10
CA ALA A 162 5.52 7.30 -0.08
C ALA A 162 6.92 7.10 -0.65
N TYR A 163 7.46 5.88 -0.57
CA TYR A 163 8.81 5.54 -1.04
C TYR A 163 9.08 6.03 -2.48
N ASN A 164 8.15 5.77 -3.37
CA ASN A 164 8.21 6.21 -4.76
C ASN A 164 8.54 7.70 -4.90
N LYS A 165 7.92 8.53 -4.05
CA LYS A 165 8.18 9.97 -4.08
C LYS A 165 9.62 10.28 -3.72
N SER A 166 10.14 9.64 -2.66
CA SER A 166 11.51 9.84 -2.20
C SER A 166 12.54 9.42 -3.26
N LEU A 167 12.18 8.44 -4.07
CA LEU A 167 13.04 8.00 -5.19
C LEU A 167 12.89 8.82 -6.48
N GLY A 168 12.04 9.84 -6.48
CA GLY A 168 11.89 10.71 -7.65
C GLY A 168 10.73 10.33 -8.57
N GLY A 169 9.85 9.45 -8.12
CA GLY A 169 8.74 9.05 -8.97
C GLY A 169 7.66 10.12 -9.07
N ALA A 170 6.78 9.97 -10.05
CA ALA A 170 5.63 10.84 -10.21
C ALA A 170 4.53 10.51 -9.21
N LEU A 171 3.80 11.53 -8.76
CA LEU A 171 2.60 11.31 -7.94
C LEU A 171 1.41 11.07 -8.86
N MET A 172 0.68 10.00 -8.61
CA MET A 172 -0.31 9.52 -9.55
C MET A 172 -1.67 9.48 -8.84
N HIS A 173 -2.67 10.11 -9.46
CA HIS A 173 -4.01 10.02 -8.94
C HIS A 173 -4.47 8.55 -8.89
N PRO A 174 -5.00 8.13 -7.74
CA PRO A 174 -5.32 6.71 -7.54
C PRO A 174 -6.53 6.20 -8.31
N SER A 175 -7.17 7.05 -9.11
CA SER A 175 -8.20 6.57 -10.04
C SER A 175 -7.57 5.91 -11.27
N ILE A 176 -6.26 6.13 -11.47
CA ILE A 176 -5.54 5.52 -12.59
C ILE A 176 -5.08 4.11 -12.20
N GLU A 177 -5.50 3.10 -12.97
CA GLU A 177 -5.10 1.71 -12.70
C GLU A 177 -3.75 1.45 -13.34
N ALA A 178 -2.70 1.62 -12.53
CA ALA A 178 -1.34 1.56 -13.05
C ALA A 178 -0.41 1.21 -11.92
N MET A 179 0.83 0.89 -12.28
CA MET A 179 1.90 0.73 -11.30
C MET A 179 3.12 1.50 -11.82
N GLN A 180 3.98 1.94 -10.89
CA GLN A 180 5.15 2.76 -11.22
C GLN A 180 6.46 2.17 -10.72
N LEU A 181 7.42 2.00 -11.63
CA LEU A 181 8.73 1.44 -11.27
C LEU A 181 9.76 2.56 -11.16
N THR A 182 10.42 2.62 -10.00
CA THR A 182 11.56 3.53 -9.79
C THR A 182 12.82 2.78 -9.41
N GLU A 183 13.95 3.42 -9.71
CA GLU A 183 15.28 2.90 -9.48
C GLU A 183 15.85 3.46 -8.18
N MET A 184 16.67 2.66 -7.51
CA MET A 184 17.42 3.18 -6.38
C MET A 184 18.89 3.13 -6.75
N ALA A 185 19.53 4.30 -6.86
CA ALA A 185 20.95 4.40 -7.19
C ALA A 185 21.45 3.42 -8.27
N SER A 186 21.03 3.59 -9.51
CA SER A 186 21.53 2.74 -10.59
C SER A 186 22.89 3.21 -11.08
N ILE A 187 23.76 2.25 -11.38
CA ILE A 187 25.03 2.54 -12.04
C ILE A 187 24.76 2.79 -13.53
N ASN A 188 25.26 3.91 -14.03
CA ASN A 188 25.25 4.18 -15.47
C ASN A 188 26.65 4.58 -15.90
N ASN A 189 27.29 3.74 -16.70
CA ASN A 189 28.59 4.03 -17.32
C ASN A 189 28.79 3.32 -18.65
N VAL A 191 29.72 -0.87 -18.28
CA VAL A 191 28.84 -1.91 -18.86
C VAL A 191 27.56 -1.33 -19.49
N TYR A 192 26.77 -0.46 -18.85
CA TYR A 192 25.92 -0.64 -17.65
C TYR A 192 24.97 0.55 -17.86
N ARG A 193 23.74 0.26 -18.29
CA ARG A 193 22.81 1.30 -18.72
C ARG A 193 21.37 0.97 -18.38
N THR A 194 20.70 1.92 -17.72
CA THR A 194 19.29 1.81 -17.41
C THR A 194 18.60 3.05 -17.94
N ILE A 195 17.27 3.06 -17.86
CA ILE A 195 16.47 4.14 -18.39
C ILE A 195 16.57 5.41 -17.53
N GLY A 196 16.77 5.24 -16.22
CA GLY A 196 16.84 6.39 -15.32
C GLY A 196 15.45 6.81 -14.86
N SER A 197 14.59 7.12 -15.83
CA SER A 197 13.22 7.61 -15.58
C SER A 197 12.32 6.59 -14.91
N PRO A 198 11.39 7.04 -14.07
CA PRO A 198 10.36 6.14 -13.55
C PRO A 198 9.54 5.67 -14.73
N LEU A 199 9.03 4.46 -14.64
CA LEU A 199 8.19 3.93 -15.69
C LEU A 199 6.80 3.64 -15.14
N VAL A 200 5.78 4.07 -15.89
CA VAL A 200 4.39 3.85 -15.49
C VAL A 200 3.72 2.87 -16.46
N PHE A 201 3.27 1.74 -15.90
CA PHE A 201 2.68 0.62 -16.62
C PHE A 201 1.18 0.55 -16.35
N PRO A 202 0.39 0.19 -17.36
CA PRO A 202 -1.04 0.03 -17.17
C PRO A 202 -1.38 -1.39 -16.70
N LYS A 203 -2.66 -1.63 -16.45
CA LYS A 203 -3.15 -2.97 -16.18
C LYS A 203 -2.74 -3.94 -17.29
N HIS A 204 -2.48 -5.18 -16.89
CA HIS A 204 -2.15 -6.29 -17.82
C HIS A 204 -0.72 -6.28 -18.33
N HIS A 205 0.04 -5.24 -17.99
CA HIS A 205 1.46 -5.29 -18.26
C HIS A 205 2.10 -6.06 -17.12
N VAL A 206 3.07 -6.90 -17.45
CA VAL A 206 3.79 -7.71 -16.49
C VAL A 206 5.25 -7.32 -16.53
N VAL A 207 5.78 -6.88 -15.40
CA VAL A 207 7.20 -6.60 -15.27
C VAL A 207 7.82 -7.71 -14.43
N SER A 208 8.89 -8.28 -14.94
CA SER A 208 9.55 -9.39 -14.28
C SER A 208 10.99 -9.02 -13.94
N LEU A 209 11.44 -9.37 -12.74
CA LEU A 209 12.84 -9.20 -12.35
C LEU A 209 13.50 -10.56 -12.20
N GLN A 210 14.64 -10.75 -12.87
CA GLN A 210 15.34 -12.03 -12.85
C GLN A 210 16.82 -11.87 -12.44
N PRO A 211 17.32 -12.76 -11.59
CA PRO A 211 18.69 -12.65 -11.05
C PRO A 211 19.74 -12.94 -12.10
N VAL A 212 20.91 -12.32 -11.93
CA VAL A 212 22.03 -12.52 -12.86
C VAL A 212 23.08 -13.41 -12.22
N ASN A 213 23.48 -13.07 -11.00
CA ASN A 213 24.37 -13.94 -10.21
C ASN A 213 23.72 -14.33 -8.89
N ASP A 214 23.74 -13.41 -7.92
CA ASP A 214 23.13 -13.63 -6.61
C ASP A 214 21.63 -13.93 -6.71
N LYS A 215 21.19 -14.97 -5.99
CA LYS A 215 19.77 -15.36 -5.98
C LYS A 215 19.03 -15.02 -4.66
N ASP A 216 19.76 -14.40 -3.71
CA ASP A 216 19.20 -14.06 -2.39
C ASP A 216 18.89 -12.55 -2.24
N PHE A 217 17.62 -12.20 -2.24
CA PHE A 217 17.20 -10.79 -2.22
C PHE A 217 16.43 -10.43 -0.96
N GLN A 218 16.50 -9.16 -0.57
CA GLN A 218 15.50 -8.60 0.34
C GLN A 218 14.31 -8.11 -0.48
N ILE A 219 13.16 -8.72 -0.23
CA ILE A 219 11.93 -8.34 -0.91
C ILE A 219 10.97 -7.75 0.11
N SER A 220 10.55 -6.51 -0.10
CA SER A 220 9.58 -5.88 0.79
C SER A 220 8.19 -5.82 0.15
N VAL A 221 7.16 -5.91 0.99
CA VAL A 221 5.79 -5.56 0.59
C VAL A 221 5.27 -4.64 1.68
N ASP A 222 5.10 -3.36 1.32
CA ASP A 222 4.74 -2.32 2.29
C ASP A 222 5.75 -2.32 3.46
N HIS A 223 5.28 -2.54 4.69
CA HIS A 223 6.15 -2.52 5.87
C HIS A 223 6.82 -3.86 6.19
N LEU A 224 6.44 -4.90 5.46
CA LEU A 224 6.97 -6.25 5.66
C LEU A 224 8.16 -6.53 4.73
N SER A 225 9.14 -7.27 5.25
CA SER A 225 10.42 -7.60 4.58
C SER A 225 11.26 -8.48 5.52
N ILE A 226 11.77 -9.67 5.15
CA ILE A 226 11.46 -10.64 4.04
C ILE A 226 12.65 -10.93 3.07
N LEU A 227 13.70 -11.54 3.63
CA LEU A 227 14.83 -12.01 2.81
C LEU A 227 14.51 -13.32 2.11
N HIS A 228 14.45 -13.25 0.78
CA HIS A 228 14.07 -14.39 -0.05
C HIS A 228 15.25 -15.18 -0.59
N ARG A 229 15.20 -16.50 -0.38
CA ARG A 229 16.27 -17.41 -0.71
C ARG A 229 15.88 -18.28 -1.90
N ASP A 230 16.84 -18.48 -2.80
CA ASP A 230 16.69 -19.26 -4.04
C ASP A 230 15.57 -18.74 -4.95
N VAL A 231 15.63 -17.45 -5.28
CA VAL A 231 14.62 -16.79 -6.11
C VAL A 231 14.97 -16.87 -7.59
N GLN A 232 13.98 -17.21 -8.40
CA GLN A 232 14.16 -17.33 -9.84
C GLN A 232 13.58 -16.10 -10.55
N GLU A 233 12.59 -15.48 -9.94
CA GLU A 233 11.82 -14.42 -10.58
C GLU A 233 10.91 -13.72 -9.59
N ILE A 234 10.80 -12.40 -9.76
CA ILE A 234 9.78 -11.60 -9.09
C ILE A 234 8.90 -10.96 -10.18
N ARG A 235 7.59 -11.19 -10.12
CA ARG A 235 6.67 -10.66 -11.13
C ARG A 235 5.71 -9.62 -10.56
N TYR A 236 5.57 -8.51 -11.29
CA TYR A 236 4.67 -7.41 -10.92
C TYR A 236 3.57 -7.19 -11.93
N GLU A 237 2.35 -6.99 -11.44
CA GLU A 237 1.27 -6.47 -12.29
C GLU A 237 0.21 -5.83 -11.41
N VAL A 238 -0.64 -5.01 -12.02
CA VAL A 238 -1.73 -4.39 -11.29
C VAL A 238 -2.67 -5.52 -10.94
N SER A 239 -3.05 -5.58 -9.67
CA SER A 239 -3.94 -6.61 -9.19
C SER A 239 -5.35 -6.43 -9.74
N ALA A 240 -6.06 -7.56 -9.89
CA ALA A 240 -7.49 -7.57 -10.18
C ALA A 240 -8.28 -7.13 -8.96
N LYS A 241 -7.64 -7.17 -7.79
CA LYS A 241 -8.28 -6.82 -6.52
C LYS A 241 -8.04 -5.36 -6.16
N LYS A 242 -9.02 -4.78 -5.46
CA LYS A 242 -8.99 -3.39 -5.05
C LYS A 242 -9.27 -3.29 -3.56
N ILE A 243 -8.71 -2.27 -2.90
CA ILE A 243 -9.09 -1.93 -1.54
C ILE A 243 -10.24 -0.91 -1.60
N HIS A 244 -11.23 -1.11 -0.73
CA HIS A 244 -12.40 -0.24 -0.66
C HIS A 244 -12.36 0.61 0.60
N PHE A 245 -12.54 1.91 0.42
CA PHE A 245 -12.62 2.85 1.53
C PHE A 245 -14.07 3.30 1.71
N ALA A 246 -14.43 3.61 2.95
CA ALA A 246 -15.71 4.26 3.23
C ALA A 246 -15.58 5.79 3.12
N ARG A 247 -16.57 6.41 2.48
CA ARG A 247 -16.73 7.88 2.40
C ARG A 247 -18.19 8.18 2.14
N PHE A 248 -18.79 9.30 2.59
CA PHE A 248 -18.52 10.13 3.79
C PHE A 248 -18.49 11.62 3.44
N ARG A 249 -17.32 12.11 3.04
CA ARG A 249 -17.20 13.49 2.57
C ARG A 249 -16.12 13.54 1.49
N SER A 250 -16.13 14.63 0.72
CA SER A 250 -15.10 14.89 -0.26
C SER A 250 -13.80 15.30 0.42
N PHE A 251 -12.77 14.46 0.29
CA PHE A 251 -11.40 14.86 0.62
C PHE A 251 -10.49 14.41 -0.53
N PRO A 252 -10.43 15.24 -1.58
CA PRO A 252 -9.71 14.91 -2.80
C PRO A 252 -8.23 14.58 -2.63
N PHE A 253 -7.76 13.57 -3.35
CA PHE A 253 -6.33 13.20 -3.37
C PHE A 253 -5.40 14.41 -3.44
N TRP A 254 -5.67 15.36 -4.34
CA TRP A 254 -4.76 16.48 -4.54
C TRP A 254 -4.74 17.46 -3.37
N ARG A 255 -5.84 17.53 -2.63
CA ARG A 255 -5.92 18.27 -1.37
C ARG A 255 -5.06 17.60 -0.30
N ARG A 256 -5.14 16.28 -0.22
CA ARG A 256 -4.32 15.50 0.70
C ARG A 256 -2.83 15.66 0.39
N VAL A 257 -2.49 15.73 -0.90
CA VAL A 257 -1.11 15.97 -1.35
C VAL A 257 -0.65 17.36 -0.91
N HIS A 258 -1.48 18.37 -1.21
CA HIS A 258 -1.23 19.74 -0.78
C HIS A 258 -1.10 19.83 0.74
N ASP A 259 -2.05 19.22 1.44
CA ASP A 259 -2.08 19.31 2.90
C ASP A 259 -0.88 18.62 3.56
N SER A 260 -0.35 17.58 2.90
CA SER A 260 0.77 16.78 3.42
C SER A 260 2.16 17.37 3.07
N PHE A 261 2.28 17.93 1.88
CA PHE A 261 3.58 18.36 1.37
C PHE A 261 3.75 19.87 1.15
N ILE A 262 2.64 20.59 0.96
CA ILE A 262 2.75 22.03 0.68
C ILE A 262 2.48 22.85 1.96
N GLU A 263 1.28 22.74 2.51
CA GLU A 263 0.91 23.55 3.68
C GLU A 263 -0.22 22.93 4.47
N1 CC5 B . 11.47 7.09 1.96
C2 CC5 B . 10.16 7.25 1.96
N3 CC5 B . 9.34 6.29 2.38
C4 CC5 B . 9.84 5.11 2.80
N9 CC5 B . 9.27 4.01 3.25
C8 CC5 B . 10.24 3.14 3.54
N7 CC5 B . 11.43 3.68 3.27
C5 CC5 B . 11.21 4.92 2.81
C6 CC5 B . 12.04 5.95 2.38
N6 CC5 B . 13.36 5.82 2.37
C1' CC5 B . 7.79 3.80 3.40
C2' CC5 B . 7.29 2.76 2.37
C3' CC5 B . 6.54 1.73 3.23
C4' CC5 B . 6.26 2.49 4.53
O4' CC5 B . 7.43 3.30 4.71
O2' CC5 B . 6.39 3.41 1.45
O3' CC5 B . 5.30 1.34 2.59
N1 CC5 C . 1.91 8.34 1.31
C2 CC5 C . 2.70 9.14 2.01
N3 CC5 C . 3.29 8.74 3.12
C4 CC5 C . 3.10 7.49 3.59
N9 CC5 C . 3.55 6.82 4.65
C8 CC5 C . 3.04 5.58 4.62
N7 CC5 C . 2.26 5.45 3.54
C5 CC5 C . 2.28 6.61 2.88
C6 CC5 C . 1.70 7.07 1.71
N6 CC5 C . 0.89 6.25 1.03
C1' CC5 C . 4.47 7.36 5.67
C2' CC5 C . 4.12 6.99 7.09
C3' CC5 C . 5.50 6.89 7.78
C4' CC5 C . 6.51 6.85 6.63
O4' CC5 C . 5.73 6.68 5.46
O2' CC5 C . 3.36 8.06 7.64
O3' CC5 C . 5.77 8.05 8.57
C1 CIT D . -10.42 12.56 -5.71
O1 CIT D . -9.20 12.48 -5.55
O2 CIT D . -10.89 13.63 -6.15
C2 CIT D . -11.33 11.39 -5.38
C3 CIT D . -11.22 10.92 -3.92
O7 CIT D . -11.58 12.02 -3.03
C4 CIT D . -12.16 9.75 -3.64
C5 CIT D . -13.60 10.13 -3.86
O3 CIT D . -14.20 9.65 -4.85
O4 CIT D . -14.18 10.92 -3.09
C6 CIT D . -9.82 10.39 -3.64
O5 CIT D . -9.18 10.75 -2.63
O6 CIT D . -9.27 9.55 -4.40
C1 GOL E . -6.91 19.78 -4.95
O1 GOL E . -7.95 19.89 -5.91
C2 GOL E . -6.20 21.10 -4.68
O2 GOL E . -5.60 21.58 -5.84
C3 GOL E . -5.11 20.90 -3.62
O3 GOL E . -5.02 22.02 -2.75
#